data_6JWH
#
_entry.id   6JWH
#
_cell.length_a   75.971
_cell.length_b   82.936
_cell.length_c   92.123
_cell.angle_alpha   90.0
_cell.angle_beta   90.0
_cell.angle_gamma   90.0
#
_symmetry.space_group_name_H-M   'P 21 21 21'
#
loop_
_entity.id
_entity.type
_entity.pdbx_description
1 polymer 'Nuclear protein localization protein 4'
2 non-polymer 'ZINC ION'
3 non-polymer GLYCEROL
4 water water
#
_entity_poly.entity_id   1
_entity_poly.type   'polypeptide(L)'
_entity_poly.pdbx_seq_one_letter_code
;GPLGSIKELAVDEELAAADGLIPRQKSKLCKHGDRGMCEYCSPLPPWDKEYHEKNKIKHISFHSYLKKLNENANKKENGS
SYISPLSEPDFRINKRCHNGHEPWPRGICSKCQPSAITLQQQEFRMVDHVEFQKSEIINEFIQAWRYTGMQRFGYMYGSY
SKYDNTPLGIKAVVEAIYEPPQHDEQDGLTMDVEQVKNEMLQIDRQAQEMGLSRIGLIFTDLSDAGAGDGSVFCKRHKDS
FFLSSLEVIMAARHQTRHPNVSKYSEQGFFSSKFVTCVISGNLEGEIDISSYQVSTEAEALVTADMISGSTFPSMAYIND
TTDERYVPEIFYMKSNEYGITVKENAKPAFPVDYLLVTLTHGFPNTDTETNSKFVSSTGFPWSNRQAMGQSQDYQELKKY
LFNVASSGDFNLLHEKISNFHLLLYINSLQILSPDEWKLLIESAVKNEWEESLLKLVSSAGWQTLVMILQESG
;
_entity_poly.pdbx_strand_id   A
#
# COMPACT_ATOMS: atom_id res chain seq x y z
N ILE A 6 6.02 10.58 -17.85
CA ILE A 6 5.56 9.36 -18.50
C ILE A 6 4.02 9.37 -18.43
N LYS A 7 3.35 8.25 -18.67
CA LYS A 7 1.90 8.24 -18.59
C LYS A 7 1.37 7.87 -17.20
N GLU A 8 0.13 8.28 -16.95
CA GLU A 8 -0.58 7.91 -15.74
C GLU A 8 -1.11 6.48 -15.80
N LEU A 9 -1.41 5.92 -14.63
CA LEU A 9 -2.09 4.62 -14.57
C LEU A 9 -3.41 4.65 -15.26
N ALA A 10 -3.85 3.49 -15.78
CA ALA A 10 -5.16 3.41 -16.42
C ALA A 10 -6.29 3.87 -15.47
N VAL A 11 -6.18 3.56 -14.19
CA VAL A 11 -7.25 3.92 -13.26
C VAL A 11 -7.38 5.44 -13.16
N ASP A 12 -6.26 6.15 -13.24
CA ASP A 12 -6.31 7.61 -13.14
C ASP A 12 -6.91 8.22 -14.43
N GLU A 13 -6.60 7.62 -15.56
CA GLU A 13 -7.17 8.06 -16.83
C GLU A 13 -8.67 7.82 -16.84
N GLU A 14 -9.09 6.67 -16.31
CA GLU A 14 -10.52 6.35 -16.28
C GLU A 14 -11.26 7.32 -15.37
N LEU A 15 -10.71 7.59 -14.19
CA LEU A 15 -11.44 8.40 -13.22
C LEU A 15 -11.44 9.87 -13.62
N ALA A 16 -10.40 10.29 -14.32
CA ALA A 16 -10.43 11.63 -14.94
C ALA A 16 -11.61 11.79 -15.92
N ALA A 17 -11.99 10.73 -16.62
CA ALA A 17 -13.10 10.76 -17.59
C ALA A 17 -14.49 10.54 -16.96
N ALA A 18 -14.54 10.31 -15.64
CA ALA A 18 -15.80 10.12 -14.93
C ALA A 18 -16.18 11.47 -14.30
N ASP A 19 -17.45 11.77 -14.13
CA ASP A 19 -17.72 13.08 -13.55
C ASP A 19 -18.03 12.98 -12.05
N GLY A 20 -18.41 11.80 -11.55
CA GLY A 20 -18.63 11.60 -10.12
C GLY A 20 -19.86 12.31 -9.53
N LEU A 21 -20.79 12.74 -10.38
CA LEU A 21 -22.00 13.44 -9.92
C LEU A 21 -22.86 12.60 -8.99
N ILE A 22 -23.43 13.24 -7.98
CA ILE A 22 -24.34 12.55 -7.05
C ILE A 22 -25.71 13.19 -7.08
N PRO A 23 -26.66 12.58 -7.80
CA PRO A 23 -28.00 13.16 -7.87
C PRO A 23 -28.64 13.25 -6.48
N ARG A 24 -29.51 14.25 -6.32
CA ARG A 24 -30.24 14.51 -5.08
C ARG A 24 -31.75 14.43 -5.27
N GLN A 25 -32.45 14.02 -4.22
CA GLN A 25 -33.92 14.10 -4.17
C GLN A 25 -34.38 15.55 -4.24
N LYS A 26 -35.68 15.73 -4.49
CA LYS A 26 -36.25 17.07 -4.43
C LYS A 26 -36.11 17.56 -3.00
N SER A 27 -35.84 18.85 -2.84
CA SER A 27 -35.77 19.43 -1.51
C SER A 27 -37.13 19.98 -1.14
N LYS A 28 -37.36 20.18 0.16
CA LYS A 28 -38.59 20.81 0.61
C LYS A 28 -38.78 22.14 -0.11
N LEU A 29 -37.69 22.88 -0.21
CA LEU A 29 -37.67 24.26 -0.72
C LEU A 29 -37.84 24.33 -2.25
N CYS A 30 -37.85 23.17 -2.90
CA CYS A 30 -37.93 23.12 -4.36
C CYS A 30 -39.30 23.54 -4.88
N LYS A 31 -39.31 24.61 -5.68
CA LYS A 31 -40.53 25.09 -6.29
C LYS A 31 -40.63 24.61 -7.75
N HIS A 32 -40.74 23.30 -7.92
CA HIS A 32 -40.88 22.69 -9.23
C HIS A 32 -41.26 21.21 -9.13
N GLY A 33 -41.48 20.59 -10.28
CA GLY A 33 -41.87 19.18 -10.34
C GLY A 33 -40.76 18.22 -9.93
N ASP A 34 -41.11 16.94 -9.87
CA ASP A 34 -40.15 15.91 -9.51
C ASP A 34 -39.00 15.83 -10.49
N ARG A 35 -39.22 16.27 -11.72
CA ARG A 35 -38.18 16.11 -12.75
C ARG A 35 -37.42 17.42 -12.99
N GLY A 36 -37.76 18.46 -12.23
CA GLY A 36 -37.13 19.75 -12.41
C GLY A 36 -35.86 19.85 -11.61
N MET A 37 -35.20 21.00 -11.68
CA MET A 37 -33.94 21.17 -10.97
C MET A 37 -33.67 22.61 -10.57
N CYS A 38 -32.94 22.78 -9.47
CA CYS A 38 -32.62 24.09 -8.92
C CYS A 38 -31.49 23.95 -7.89
N GLU A 39 -31.13 25.04 -7.22
CA GLU A 39 -29.94 25.04 -6.37
C GLU A 39 -30.06 24.08 -5.19
N TYR A 40 -31.28 23.72 -4.83
CA TYR A 40 -31.49 22.86 -3.67
C TYR A 40 -31.44 21.38 -4.00
N CYS A 41 -31.62 21.04 -5.28
CA CYS A 41 -31.79 19.64 -5.67
C CYS A 41 -30.85 19.21 -6.82
N SER A 42 -30.00 20.12 -7.28
CA SER A 42 -29.00 19.80 -8.30
C SER A 42 -27.95 18.77 -7.82
N PRO A 43 -27.36 18.00 -8.75
CA PRO A 43 -26.39 16.98 -8.35
C PRO A 43 -25.23 17.54 -7.57
N LEU A 44 -24.79 16.82 -6.55
CA LEU A 44 -23.62 17.22 -5.78
C LEU A 44 -22.37 16.87 -6.54
N PRO A 45 -21.32 17.70 -6.41
CA PRO A 45 -20.01 17.29 -6.93
C PRO A 45 -19.45 16.14 -6.12
N PRO A 46 -18.53 15.36 -6.70
CA PRO A 46 -18.05 14.16 -6.02
C PRO A 46 -17.30 14.46 -4.71
N TRP A 47 -16.79 15.69 -4.52
CA TRP A 47 -16.01 16.02 -3.32
C TRP A 47 -16.88 16.57 -2.17
N ASP A 48 -18.20 16.56 -2.37
CA ASP A 48 -19.12 17.21 -1.43
C ASP A 48 -18.87 16.80 0.03
N LYS A 49 -18.55 17.75 0.88
CA LYS A 49 -18.11 17.43 2.25
C LYS A 49 -19.23 16.76 3.04
N GLU A 50 -20.41 17.38 3.01
CA GLU A 50 -21.55 16.86 3.76
C GLU A 50 -21.93 15.43 3.36
N TYR A 51 -21.89 15.12 2.06
CA TYR A 51 -22.13 13.75 1.61
C TYR A 51 -21.17 12.76 2.26
N HIS A 52 -19.90 13.12 2.29
CA HIS A 52 -18.90 12.25 2.89
C HIS A 52 -19.12 12.12 4.40
N GLU A 53 -19.45 13.24 5.05
CA GLU A 53 -19.71 13.20 6.49
C GLU A 53 -20.93 12.34 6.78
N LYS A 54 -22.02 12.60 6.05
CA LYS A 54 -23.23 11.82 6.21
C LYS A 54 -23.00 10.33 6.06
N ASN A 55 -22.14 9.95 5.12
CA ASN A 55 -21.91 8.53 4.85
C ASN A 55 -20.70 7.96 5.56
N LYS A 56 -20.12 8.76 6.46
CA LYS A 56 -19.00 8.30 7.29
C LYS A 56 -17.80 7.88 6.45
N ILE A 57 -17.56 8.63 5.37
CA ILE A 57 -16.38 8.41 4.55
C ILE A 57 -15.32 9.37 5.06
N LYS A 58 -14.21 8.85 5.59
CA LYS A 58 -13.34 9.71 6.41
C LYS A 58 -12.49 10.71 5.63
N HIS A 59 -12.28 10.47 4.34
CA HIS A 59 -11.49 11.34 3.48
C HIS A 59 -12.14 11.29 2.11
N ILE A 60 -12.03 12.38 1.33
CA ILE A 60 -12.46 12.32 -0.07
C ILE A 60 -11.36 11.63 -0.90
N SER A 61 -11.75 11.10 -2.05
CA SER A 61 -10.80 10.38 -2.90
C SER A 61 -9.88 11.39 -3.56
N PHE A 62 -8.76 10.90 -4.09
CA PHE A 62 -7.83 11.73 -4.83
C PHE A 62 -8.51 12.41 -6.03
N HIS A 63 -9.28 11.67 -6.83
CA HIS A 63 -9.87 12.36 -7.97
C HIS A 63 -11.01 13.29 -7.58
N SER A 64 -11.69 13.02 -6.48
CA SER A 64 -12.66 14.02 -6.01
C SER A 64 -11.91 15.31 -5.65
N TYR A 65 -10.78 15.14 -4.96
CA TYR A 65 -9.95 16.25 -4.54
C TYR A 65 -9.39 17.04 -5.71
N LEU A 66 -8.91 16.30 -6.71
CA LEU A 66 -8.36 16.95 -7.90
C LEU A 66 -9.43 17.70 -8.67
N LYS A 67 -10.62 17.12 -8.78
CA LYS A 67 -11.70 17.82 -9.49
C LYS A 67 -12.13 19.07 -8.69
N LYS A 68 -12.03 18.99 -7.37
CA LYS A 68 -12.34 20.15 -6.53
C LYS A 68 -11.34 21.26 -6.78
N LEU A 69 -10.05 20.93 -6.76
CA LEU A 69 -9.04 21.96 -7.04
C LEU A 69 -9.25 22.58 -8.42
N ASN A 70 -9.52 21.75 -9.41
CA ASN A 70 -9.72 22.23 -10.78
C ASN A 70 -10.89 23.18 -10.91
N GLU A 71 -11.95 22.90 -10.16
CA GLU A 71 -13.11 23.76 -10.20
C GLU A 71 -12.80 25.10 -9.56
N ASN A 72 -12.14 25.07 -8.41
CA ASN A 72 -11.83 26.31 -7.67
C ASN A 72 -10.83 27.18 -8.39
N ALA A 73 -10.04 26.57 -9.28
CA ALA A 73 -9.05 27.30 -10.06
C ALA A 73 -9.52 27.62 -11.48
N ASN A 74 -10.82 27.79 -11.69
CA ASN A 74 -11.33 28.09 -13.02
C ASN A 74 -11.75 29.55 -13.17
N ILE A 83 -1.82 27.10 -14.40
CA ILE A 83 -1.05 26.62 -13.26
C ILE A 83 -1.49 25.21 -12.84
N SER A 84 -0.52 24.31 -12.70
CA SER A 84 -0.76 22.97 -12.18
C SER A 84 -1.52 23.03 -10.84
N PRO A 85 -2.64 22.30 -10.74
CA PRO A 85 -3.40 22.38 -9.49
C PRO A 85 -2.71 21.67 -8.32
N LEU A 86 -1.83 20.72 -8.61
CA LEU A 86 -1.15 19.94 -7.59
C LEU A 86 0.31 20.29 -7.49
N SER A 87 0.84 20.25 -6.28
CA SER A 87 2.26 20.45 -6.05
C SER A 87 2.67 19.70 -4.77
N GLU A 88 3.69 18.87 -4.86
CA GLU A 88 4.20 18.19 -3.66
C GLU A 88 4.85 19.22 -2.74
N PRO A 89 4.44 19.24 -1.46
CA PRO A 89 5.07 20.19 -0.54
C PRO A 89 6.55 19.88 -0.35
N ASP A 90 7.37 20.90 -0.10
CA ASP A 90 8.81 20.72 0.06
C ASP A 90 9.27 21.68 1.16
N PHE A 91 9.74 21.12 2.25
CA PHE A 91 10.10 21.90 3.45
C PHE A 91 11.60 22.07 3.58
N ARG A 92 12.35 21.64 2.57
CA ARG A 92 13.82 21.72 2.62
C ARG A 92 14.32 23.14 2.35
N ILE A 93 15.32 23.58 3.09
CA ILE A 93 15.86 24.90 2.83
C ILE A 93 16.78 24.78 1.61
N ASN A 94 16.78 25.83 0.80
CA ASN A 94 17.71 25.97 -0.30
C ASN A 94 19.10 26.30 0.22
N LYS A 95 20.02 25.35 0.13
CA LYS A 95 21.37 25.54 0.63
C LYS A 95 22.27 26.16 -0.42
N ARG A 96 21.68 26.62 -1.50
CA ARG A 96 22.46 27.30 -2.52
C ARG A 96 21.88 28.66 -2.89
N CYS A 97 21.18 29.30 -1.95
CA CYS A 97 20.73 30.68 -2.18
C CYS A 97 21.86 31.70 -2.00
N HIS A 98 22.09 32.53 -3.01
CA HIS A 98 23.10 33.57 -2.98
C HIS A 98 22.43 34.91 -3.23
N ASN A 99 21.17 35.01 -2.85
CA ASN A 99 20.42 36.25 -3.05
C ASN A 99 20.85 37.34 -2.09
N GLY A 100 22.03 37.92 -2.34
CA GLY A 100 22.55 38.98 -1.52
C GLY A 100 23.10 38.54 -0.18
N HIS A 101 23.35 37.24 -0.03
CA HIS A 101 23.98 36.68 1.17
C HIS A 101 24.70 35.38 0.82
N GLU A 102 25.47 34.85 1.76
CA GLU A 102 26.03 33.49 1.67
C GLU A 102 24.99 32.45 2.08
N PRO A 103 24.96 31.28 1.42
CA PRO A 103 23.94 30.28 1.73
C PRO A 103 23.97 29.73 3.16
N TRP A 104 22.83 29.18 3.57
CA TRP A 104 22.68 28.50 4.87
C TRP A 104 23.83 27.54 5.14
N PRO A 105 24.43 27.60 6.35
CA PRO A 105 24.01 28.41 7.50
C PRO A 105 24.75 29.72 7.65
N ARG A 106 25.29 30.26 6.56
CA ARG A 106 26.01 31.52 6.67
C ARG A 106 25.11 32.73 6.42
N GLY A 107 23.85 32.51 6.07
CA GLY A 107 23.01 33.62 5.71
C GLY A 107 21.65 33.13 5.35
N ILE A 108 20.71 34.06 5.18
CA ILE A 108 19.34 33.67 4.89
C ILE A 108 18.60 34.89 4.32
N CYS A 109 17.51 34.69 3.57
CA CYS A 109 16.72 35.82 3.06
C CYS A 109 15.28 35.37 2.86
N SER A 110 14.40 36.30 2.44
CA SER A 110 12.98 35.96 2.27
C SER A 110 12.78 34.88 1.22
N LYS A 111 13.68 34.81 0.25
CA LYS A 111 13.52 33.79 -0.79
C LYS A 111 13.89 32.40 -0.30
N CYS A 112 14.90 32.27 0.54
CA CYS A 112 15.28 30.91 0.94
C CYS A 112 14.81 30.49 2.32
N GLN A 113 14.45 31.44 3.18
CA GLN A 113 14.04 31.09 4.54
C GLN A 113 12.70 30.39 4.56
N PRO A 114 12.67 29.18 5.12
CA PRO A 114 11.45 28.38 5.19
C PRO A 114 10.46 29.08 6.09
N SER A 115 9.18 29.17 5.74
CA SER A 115 8.25 29.83 6.65
C SER A 115 7.59 28.79 7.55
N ALA A 116 6.83 29.26 8.53
CA ALA A 116 6.22 28.37 9.50
C ALA A 116 5.33 27.33 8.82
N ILE A 117 5.37 26.12 9.37
CA ILE A 117 4.63 24.99 8.80
C ILE A 117 3.42 24.76 9.68
N THR A 118 2.23 24.62 9.07
CA THR A 118 1.07 24.22 9.83
C THR A 118 0.63 22.84 9.33
N LEU A 119 0.55 21.89 10.26
CA LEU A 119 0.12 20.52 9.94
C LEU A 119 -1.34 20.31 10.27
N GLN A 120 -2.04 19.48 9.49
CA GLN A 120 -3.42 19.17 9.83
C GLN A 120 -3.80 17.83 9.22
N GLN A 121 -4.87 17.26 9.71
CA GLN A 121 -5.35 16.03 9.08
C GLN A 121 -5.62 16.23 7.59
N GLN A 122 -5.08 15.35 6.74
CA GLN A 122 -5.28 15.50 5.29
C GLN A 122 -6.71 15.12 4.91
N GLU A 123 -7.37 15.94 4.08
CA GLU A 123 -8.80 15.79 3.84
C GLU A 123 -9.07 14.73 2.75
N PHE A 124 -8.03 14.42 1.99
CA PHE A 124 -8.15 13.43 0.88
C PHE A 124 -7.22 12.26 1.14
N ARG A 125 -7.43 11.17 0.38
CA ARG A 125 -6.49 10.04 0.45
C ARG A 125 -6.23 9.58 -0.98
N MET A 126 -5.01 9.14 -1.27
CA MET A 126 -4.64 8.73 -2.63
C MET A 126 -5.30 7.40 -3.00
N VAL A 127 -5.45 6.52 -2.02
CA VAL A 127 -6.12 5.24 -2.21
C VAL A 127 -7.15 5.14 -1.13
N ASP A 128 -8.32 4.59 -1.44
CA ASP A 128 -9.44 4.60 -0.50
C ASP A 128 -9.66 3.28 0.22
N HIS A 129 -9.19 2.18 -0.37
CA HIS A 129 -9.60 0.84 0.10
C HIS A 129 -8.49 -0.13 -0.29
N VAL A 130 -8.26 -1.14 0.54
CA VAL A 130 -7.33 -2.23 0.20
C VAL A 130 -8.12 -3.51 0.08
N GLU A 131 -8.16 -4.10 -1.12
CA GLU A 131 -8.90 -5.34 -1.35
C GLU A 131 -7.91 -6.51 -1.49
N PHE A 132 -8.01 -7.47 -0.60
CA PHE A 132 -7.18 -8.69 -0.72
C PHE A 132 -7.95 -9.70 -1.54
N GLN A 133 -7.35 -10.22 -2.61
CA GLN A 133 -8.10 -11.06 -3.54
C GLN A 133 -8.64 -12.33 -2.90
N LYS A 134 -7.91 -12.86 -1.92
CA LYS A 134 -8.33 -14.08 -1.23
C LYS A 134 -7.90 -14.00 0.23
N SER A 135 -8.75 -14.46 1.13
CA SER A 135 -8.38 -14.41 2.54
C SER A 135 -7.17 -15.30 2.81
N GLU A 136 -6.97 -16.33 1.99
CA GLU A 136 -5.81 -17.20 2.16
C GLU A 136 -4.49 -16.45 2.09
N ILE A 137 -4.44 -15.39 1.29
CA ILE A 137 -3.22 -14.59 1.17
C ILE A 137 -2.82 -14.02 2.53
N ILE A 138 -3.77 -13.35 3.18
CA ILE A 138 -3.61 -12.83 4.51
C ILE A 138 -3.39 -13.93 5.56
N ASN A 139 -4.16 -15.00 5.49
CA ASN A 139 -4.00 -16.02 6.53
C ASN A 139 -2.65 -16.71 6.45
N GLU A 140 -2.13 -16.90 5.25
CA GLU A 140 -0.82 -17.55 5.15
C GLU A 140 0.30 -16.60 5.64
N PHE A 141 0.17 -15.30 5.38
CA PHE A 141 1.10 -14.35 5.97
C PHE A 141 1.06 -14.40 7.51
N ILE A 142 -0.15 -14.44 8.06
CA ILE A 142 -0.32 -14.45 9.51
C ILE A 142 0.27 -15.72 10.09
N GLN A 143 0.26 -16.79 9.30
CA GLN A 143 0.78 -18.10 9.76
C GLN A 143 2.25 -18.00 10.18
N ALA A 144 3.00 -17.04 9.63
CA ALA A 144 4.39 -16.87 10.05
C ALA A 144 4.44 -16.55 11.53
N TRP A 145 3.55 -15.67 11.96
CA TRP A 145 3.46 -15.34 13.37
C TRP A 145 2.83 -16.46 14.18
N ARG A 146 1.78 -17.10 13.66
CA ARG A 146 1.16 -18.19 14.42
CA ARG A 146 1.14 -18.22 14.35
C ARG A 146 2.17 -19.29 14.71
N TYR A 147 3.02 -19.60 13.73
CA TYR A 147 3.95 -20.72 13.90
C TYR A 147 5.10 -20.35 14.85
N THR A 148 5.62 -19.13 14.73
CA THR A 148 6.85 -18.74 15.43
C THR A 148 6.65 -17.92 16.70
N GLY A 149 5.54 -17.20 16.79
CA GLY A 149 5.34 -16.27 17.90
C GLY A 149 6.11 -14.97 17.68
N MET A 150 6.67 -14.81 16.48
CA MET A 150 7.43 -13.63 16.14
C MET A 150 6.77 -12.84 15.01
N GLN A 151 7.04 -11.54 14.97
CA GLN A 151 6.31 -10.67 14.03
C GLN A 151 6.81 -10.88 12.61
N ARG A 152 6.11 -10.30 11.63
CA ARG A 152 6.43 -10.55 10.24
C ARG A 152 6.16 -9.31 9.41
N PHE A 153 6.97 -9.11 8.37
CA PHE A 153 6.87 -7.98 7.45
C PHE A 153 6.73 -8.51 6.03
N GLY A 154 5.88 -7.89 5.24
CA GLY A 154 5.79 -8.32 3.86
C GLY A 154 5.50 -7.16 2.92
N TYR A 155 5.83 -7.36 1.65
CA TYR A 155 5.47 -6.40 0.60
C TYR A 155 4.28 -6.96 -0.20
N MET A 156 3.37 -6.08 -0.59
CA MET A 156 2.14 -6.50 -1.27
C MET A 156 2.25 -6.18 -2.76
N TYR A 157 1.84 -7.15 -3.59
CA TYR A 157 1.89 -7.02 -5.04
C TYR A 157 0.48 -7.04 -5.61
N GLY A 158 0.25 -6.26 -6.66
CA GLY A 158 -1.09 -6.19 -7.23
C GLY A 158 -1.21 -5.02 -8.17
N SER A 159 -2.38 -4.38 -8.12
CA SER A 159 -2.67 -3.30 -9.04
C SER A 159 -3.69 -2.37 -8.41
N TYR A 160 -4.07 -1.34 -9.16
CA TYR A 160 -5.06 -0.38 -8.69
C TYR A 160 -6.24 -0.37 -9.63
N SER A 161 -7.44 -0.30 -9.05
CA SER A 161 -8.67 -0.27 -9.85
C SER A 161 -9.67 0.69 -9.22
N LYS A 162 -10.75 0.92 -9.95
CA LYS A 162 -11.84 1.75 -9.39
C LYS A 162 -12.52 1.08 -8.20
N TYR A 163 -12.91 1.88 -7.21
CA TYR A 163 -13.62 1.41 -6.03
C TYR A 163 -14.92 2.22 -5.98
N ASP A 164 -16.07 1.59 -6.15
CA ASP A 164 -17.29 2.38 -6.34
CA ASP A 164 -17.27 2.40 -6.35
C ASP A 164 -18.01 2.76 -5.06
N ASN A 165 -17.51 2.31 -3.92
CA ASN A 165 -18.20 2.64 -2.67
C ASN A 165 -17.88 3.99 -2.06
N THR A 166 -17.06 4.78 -2.75
CA THR A 166 -16.91 6.19 -2.41
C THR A 166 -16.80 6.94 -3.72
N PRO A 167 -17.20 8.22 -3.77
CA PRO A 167 -17.10 8.92 -5.07
C PRO A 167 -15.69 8.87 -5.64
N LEU A 168 -15.58 8.41 -6.90
CA LEU A 168 -14.32 8.34 -7.64
C LEU A 168 -13.22 7.63 -6.89
N GLY A 169 -13.61 6.60 -6.15
CA GLY A 169 -12.64 5.89 -5.31
C GLY A 169 -11.67 5.00 -6.07
N ILE A 170 -10.54 4.71 -5.42
CA ILE A 170 -9.55 3.77 -5.95
C ILE A 170 -9.30 2.70 -4.88
N LYS A 171 -9.15 1.45 -5.31
CA LYS A 171 -8.71 0.41 -4.42
C LYS A 171 -7.39 -0.18 -4.88
N ALA A 172 -6.58 -0.53 -3.88
CA ALA A 172 -5.39 -1.35 -4.12
C ALA A 172 -5.86 -2.80 -4.11
N VAL A 173 -5.53 -3.55 -5.16
CA VAL A 173 -6.01 -4.91 -5.28
C VAL A 173 -4.81 -5.83 -5.06
N VAL A 174 -4.79 -6.51 -3.93
CA VAL A 174 -3.60 -7.28 -3.53
C VAL A 174 -3.71 -8.73 -4.01
N GLU A 175 -2.71 -9.15 -4.79
CA GLU A 175 -2.70 -10.48 -5.41
C GLU A 175 -1.79 -11.46 -4.69
N ALA A 176 -0.83 -10.92 -3.94
CA ALA A 176 0.22 -11.74 -3.30
C ALA A 176 1.01 -10.91 -2.31
N ILE A 177 1.71 -11.62 -1.42
CA ILE A 177 2.59 -10.97 -0.45
C ILE A 177 3.95 -11.62 -0.56
N TYR A 178 4.99 -10.81 -0.67
CA TYR A 178 6.37 -11.30 -0.70
C TYR A 178 7.07 -10.86 0.56
N GLU A 179 7.60 -11.80 1.33
CA GLU A 179 8.30 -11.46 2.57
C GLU A 179 9.78 -11.38 2.30
N PRO A 180 10.40 -10.21 2.54
CA PRO A 180 11.83 -10.02 2.31
C PRO A 180 12.63 -10.66 3.44
N PRO A 181 13.94 -10.85 3.22
CA PRO A 181 14.75 -11.38 4.32
C PRO A 181 14.65 -10.41 5.50
N GLN A 182 14.59 -10.97 6.70
CA GLN A 182 14.27 -10.18 7.88
C GLN A 182 14.61 -10.97 9.14
N HIS A 183 14.84 -10.21 10.20
CA HIS A 183 15.14 -10.78 11.50
C HIS A 183 13.96 -10.53 12.42
N ASP A 184 13.15 -11.56 12.62
CA ASP A 184 11.90 -11.38 13.36
C ASP A 184 12.11 -11.67 14.84
N GLU A 185 11.39 -10.92 15.67
CA GLU A 185 11.43 -11.13 17.11
C GLU A 185 10.01 -11.11 17.67
N GLN A 186 9.89 -11.45 18.95
CA GLN A 186 8.61 -11.52 19.62
C GLN A 186 7.89 -10.17 19.61
N ASP A 187 8.64 -9.09 19.70
CA ASP A 187 8.01 -7.78 19.81
C ASP A 187 8.45 -6.80 18.74
N GLY A 188 8.93 -7.30 17.61
CA GLY A 188 9.27 -6.42 16.50
C GLY A 188 10.13 -7.16 15.51
N LEU A 189 10.76 -6.43 14.58
CA LEU A 189 11.59 -7.09 13.58
C LEU A 189 12.51 -6.06 12.99
N THR A 190 13.62 -6.50 12.41
CA THR A 190 14.51 -5.59 11.73
C THR A 190 14.83 -6.12 10.35
N MET A 191 15.28 -5.23 9.47
CA MET A 191 15.71 -5.63 8.15
C MET A 191 17.01 -4.92 7.76
N ASP A 192 17.84 -5.60 7.00
CA ASP A 192 19.00 -5.00 6.36
C ASP A 192 18.48 -4.24 5.14
N VAL A 193 18.40 -2.92 5.28
CA VAL A 193 17.83 -2.06 4.25
C VAL A 193 18.42 -2.33 2.86
N GLU A 194 19.74 -2.42 2.76
CA GLU A 194 20.40 -2.62 1.47
C GLU A 194 20.12 -3.99 0.90
N GLN A 195 20.19 -5.01 1.75
CA GLN A 195 19.88 -6.36 1.35
C GLN A 195 18.48 -6.45 0.75
N VAL A 196 17.52 -5.90 1.48
CA VAL A 196 16.12 -5.93 1.04
C VAL A 196 15.96 -5.17 -0.28
N LYS A 197 16.59 -4.01 -0.38
CA LYS A 197 16.48 -3.22 -1.59
C LYS A 197 16.98 -4.00 -2.83
N ASN A 198 18.15 -4.62 -2.72
CA ASN A 198 18.70 -5.40 -3.81
C ASN A 198 17.82 -6.58 -4.19
N GLU A 199 17.26 -7.26 -3.19
CA GLU A 199 16.38 -8.40 -3.45
C GLU A 199 15.08 -7.90 -4.11
N MET A 200 14.47 -6.84 -3.56
CA MET A 200 13.19 -6.37 -4.08
C MET A 200 13.30 -5.82 -5.51
N LEU A 201 14.49 -5.32 -5.87
CA LEU A 201 14.71 -4.94 -7.25
C LEU A 201 14.49 -6.12 -8.20
N GLN A 202 15.05 -7.29 -7.90
CA GLN A 202 14.84 -8.47 -8.71
C GLN A 202 13.39 -8.97 -8.68
N ILE A 203 12.78 -8.96 -7.50
CA ILE A 203 11.42 -9.45 -7.39
C ILE A 203 10.47 -8.48 -8.13
N ASP A 204 10.69 -7.17 -7.99
CA ASP A 204 9.86 -6.21 -8.72
C ASP A 204 9.90 -6.49 -10.22
N ARG A 205 11.08 -6.80 -10.74
CA ARG A 205 11.23 -7.00 -12.17
C ARG A 205 10.44 -8.23 -12.64
N GLN A 206 10.51 -9.29 -11.84
CA GLN A 206 9.79 -10.52 -12.19
C GLN A 206 8.29 -10.36 -11.98
N ALA A 207 7.92 -9.66 -10.93
CA ALA A 207 6.50 -9.47 -10.68
C ALA A 207 5.87 -8.65 -11.79
N GLN A 208 6.62 -7.68 -12.30
CA GLN A 208 6.17 -6.86 -13.42
C GLN A 208 5.88 -7.70 -14.68
N GLU A 209 6.66 -8.76 -14.86
CA GLU A 209 6.41 -9.64 -16.00
C GLU A 209 5.09 -10.38 -15.83
N MET A 210 4.60 -10.44 -14.60
CA MET A 210 3.31 -11.05 -14.29
C MET A 210 2.17 -10.04 -14.26
N GLY A 211 2.46 -8.78 -14.57
CA GLY A 211 1.43 -7.76 -14.52
C GLY A 211 1.20 -7.22 -13.12
N LEU A 212 2.18 -7.40 -12.23
CA LEU A 212 2.08 -6.92 -10.85
C LEU A 212 2.99 -5.73 -10.53
N SER A 213 2.50 -4.81 -9.70
CA SER A 213 3.29 -3.73 -9.12
C SER A 213 3.39 -3.95 -7.63
N ARG A 214 4.43 -3.39 -7.02
CA ARG A 214 4.56 -3.42 -5.57
C ARG A 214 3.73 -2.27 -5.03
N ILE A 215 2.61 -2.59 -4.41
CA ILE A 215 1.61 -1.56 -4.11
C ILE A 215 1.52 -1.22 -2.63
N GLY A 216 2.26 -1.93 -1.78
CA GLY A 216 2.20 -1.57 -0.38
C GLY A 216 3.01 -2.48 0.52
N LEU A 217 2.91 -2.25 1.82
CA LEU A 217 3.60 -3.11 2.79
C LEU A 217 2.59 -3.50 3.87
N ILE A 218 2.91 -4.59 4.58
CA ILE A 218 2.04 -5.10 5.60
C ILE A 218 2.89 -5.72 6.69
N PHE A 219 2.49 -5.51 7.93
CA PHE A 219 3.27 -6.10 9.02
C PHE A 219 2.35 -6.44 10.18
N THR A 220 2.83 -7.31 11.06
CA THR A 220 2.06 -7.75 12.21
C THR A 220 2.48 -7.02 13.49
N ASP A 221 1.52 -6.90 14.39
CA ASP A 221 1.80 -6.56 15.79
C ASP A 221 0.84 -7.42 16.60
N LEU A 222 1.17 -8.71 16.68
CA LEU A 222 0.29 -9.72 17.24
C LEU A 222 0.87 -10.29 18.51
N SER A 223 0.08 -10.28 19.58
CA SER A 223 0.51 -10.86 20.85
C SER A 223 -0.63 -11.66 21.47
N ASP A 224 -0.41 -12.96 21.64
CA ASP A 224 -1.44 -13.79 22.22
C ASP A 224 -1.86 -13.25 23.57
N ALA A 225 -3.16 -13.32 23.82
CA ALA A 225 -3.75 -12.68 24.99
C ALA A 225 -3.74 -13.61 26.20
N GLY A 226 -3.27 -14.84 26.01
CA GLY A 226 -3.09 -15.78 27.10
C GLY A 226 -4.37 -16.35 27.67
N ALA A 227 -5.37 -16.51 26.80
CA ALA A 227 -6.66 -17.03 27.22
C ALA A 227 -6.93 -18.38 26.57
N GLY A 228 -5.97 -18.88 25.80
CA GLY A 228 -6.12 -20.14 25.09
C GLY A 228 -7.20 -20.02 24.05
N ASP A 229 -7.45 -18.78 23.65
CA ASP A 229 -8.58 -18.41 22.81
C ASP A 229 -8.19 -18.24 21.33
N GLY A 230 -6.92 -17.98 21.07
CA GLY A 230 -6.50 -17.55 19.76
C GLY A 230 -6.64 -16.04 19.73
N SER A 231 -7.13 -15.49 20.85
CA SER A 231 -7.34 -14.06 20.98
C SER A 231 -6.01 -13.33 21.18
N VAL A 232 -5.95 -12.09 20.75
CA VAL A 232 -4.73 -11.29 20.87
C VAL A 232 -5.01 -9.98 21.60
N PHE A 233 -3.96 -9.36 22.15
CA PHE A 233 -4.12 -8.07 22.82
C PHE A 233 -4.47 -7.00 21.82
N CYS A 234 -5.20 -6.00 22.30
CA CYS A 234 -5.42 -4.77 21.53
C CYS A 234 -4.40 -3.72 21.97
N LYS A 235 -3.42 -3.46 21.13
CA LYS A 235 -2.34 -2.53 21.47
C LYS A 235 -2.53 -1.16 20.86
N ARG A 236 -3.24 -1.14 19.73
CA ARG A 236 -3.37 0.06 18.90
C ARG A 236 -4.82 0.55 18.90
N HIS A 237 -5.04 1.72 19.49
CA HIS A 237 -6.38 2.26 19.68
C HIS A 237 -6.27 3.74 20.02
N LYS A 238 -7.41 4.40 20.20
CA LYS A 238 -7.41 5.85 20.36
C LYS A 238 -6.59 6.34 21.56
N ASP A 239 -6.43 5.49 22.57
CA ASP A 239 -5.71 5.93 23.74
C ASP A 239 -4.25 5.49 23.74
N SER A 240 -3.77 4.99 22.60
CA SER A 240 -2.36 4.66 22.48
C SER A 240 -1.82 5.25 21.18
N PHE A 241 -1.77 4.43 20.13
CA PHE A 241 -1.36 4.92 18.80
C PHE A 241 -1.93 3.99 17.75
N PHE A 242 -1.99 4.43 16.49
CA PHE A 242 -2.43 3.54 15.41
C PHE A 242 -1.23 3.09 14.61
N LEU A 243 -0.43 4.04 14.17
CA LEU A 243 0.93 3.76 13.69
C LEU A 243 1.90 4.55 14.55
N SER A 244 3.04 3.97 14.89
CA SER A 244 4.05 4.66 15.67
C SER A 244 4.77 5.67 14.79
N SER A 245 5.51 6.58 15.41
CA SER A 245 6.26 7.54 14.64
C SER A 245 7.28 6.86 13.71
N LEU A 246 7.91 5.79 14.17
CA LEU A 246 8.87 5.10 13.32
C LEU A 246 8.16 4.50 12.10
N GLU A 247 6.97 3.97 12.33
CA GLU A 247 6.19 3.33 11.25
C GLU A 247 5.74 4.38 10.25
N VAL A 248 5.37 5.56 10.76
CA VAL A 248 4.94 6.63 9.87
C VAL A 248 6.10 7.10 9.03
N ILE A 249 7.28 7.19 9.64
CA ILE A 249 8.47 7.59 8.90
C ILE A 249 8.79 6.52 7.82
N MET A 250 8.62 5.25 8.18
CA MET A 250 8.84 4.16 7.20
C MET A 250 7.85 4.28 6.03
N ALA A 251 6.60 4.52 6.36
CA ALA A 251 5.58 4.65 5.33
C ALA A 251 5.85 5.84 4.42
N ALA A 252 6.25 6.98 5.01
CA ALA A 252 6.54 8.16 4.21
C ALA A 252 7.68 7.89 3.24
N ARG A 253 8.70 7.21 3.73
CA ARG A 253 9.84 6.91 2.89
C ARG A 253 9.43 6.01 1.72
N HIS A 254 8.59 5.02 2.00
CA HIS A 254 8.12 4.15 0.91
C HIS A 254 7.27 4.93 -0.08
N GLN A 255 6.42 5.82 0.41
CA GLN A 255 5.58 6.59 -0.49
C GLN A 255 6.41 7.46 -1.41
N THR A 256 7.42 8.13 -0.85
CA THR A 256 8.25 8.99 -1.67
C THR A 256 9.05 8.20 -2.69
N ARG A 257 9.42 6.97 -2.36
CA ARG A 257 10.15 6.10 -3.27
C ARG A 257 9.23 5.40 -4.30
N HIS A 258 7.93 5.48 -4.07
CA HIS A 258 6.95 4.96 -5.03
C HIS A 258 5.97 6.05 -5.44
N PRO A 259 6.47 7.06 -6.16
CA PRO A 259 5.61 8.22 -6.41
C PRO A 259 4.45 7.91 -7.36
N ASN A 260 3.34 8.59 -7.14
CA ASN A 260 2.19 8.53 -8.03
C ASN A 260 2.36 9.53 -9.17
N VAL A 261 2.36 9.01 -10.40
CA VAL A 261 2.50 9.87 -11.56
C VAL A 261 1.22 10.67 -11.78
N SER A 262 1.37 11.98 -11.96
CA SER A 262 0.24 12.83 -12.27
C SER A 262 0.64 13.98 -13.19
N LYS A 263 -0.07 14.10 -14.30
CA LYS A 263 0.18 15.16 -15.26
C LYS A 263 -0.31 16.50 -14.73
N TYR A 264 -1.01 16.49 -13.59
CA TYR A 264 -1.61 17.70 -13.05
C TYR A 264 -0.77 18.31 -11.96
N SER A 265 0.41 17.76 -11.77
CA SER A 265 1.34 18.30 -10.80
C SER A 265 2.52 18.93 -11.50
N GLU A 266 3.00 20.04 -10.96
CA GLU A 266 4.21 20.70 -11.45
C GLU A 266 5.35 19.70 -11.68
N GLN A 267 5.53 18.81 -10.71
CA GLN A 267 6.65 17.87 -10.71
C GLN A 267 6.43 16.61 -11.55
N GLY A 268 5.21 16.45 -12.09
CA GLY A 268 4.88 15.23 -12.83
C GLY A 268 4.48 14.09 -11.90
N PHE A 269 4.56 14.33 -10.59
CA PHE A 269 4.15 13.33 -9.61
C PHE A 269 3.52 14.05 -8.43
N PHE A 270 2.69 13.32 -7.69
CA PHE A 270 2.05 13.86 -6.50
C PHE A 270 1.75 12.73 -5.53
N SER A 271 2.37 12.79 -4.36
CA SER A 271 2.19 11.78 -3.33
C SER A 271 2.42 10.37 -3.93
N SER A 272 1.58 9.43 -3.51
CA SER A 272 1.86 8.01 -3.76
C SER A 272 0.60 7.19 -3.55
N LYS A 273 0.47 6.10 -4.31
CA LYS A 273 -0.59 5.14 -4.07
C LYS A 273 -0.12 3.94 -3.20
N PHE A 274 1.09 4.05 -2.64
CA PHE A 274 1.63 2.94 -1.85
C PHE A 274 0.94 2.87 -0.48
N VAL A 275 0.39 1.71 -0.10
CA VAL A 275 -0.41 1.64 1.12
C VAL A 275 0.31 0.84 2.22
N THR A 276 -0.09 1.13 3.45
CA THR A 276 0.49 0.48 4.67
C THR A 276 -0.60 -0.22 5.45
N CYS A 277 -0.42 -1.52 5.73
CA CYS A 277 -1.40 -2.30 6.47
C CYS A 277 -0.77 -2.89 7.72
N VAL A 278 -1.52 -2.91 8.82
CA VAL A 278 -1.10 -3.50 10.08
CA VAL A 278 -1.03 -3.56 10.03
C VAL A 278 -2.07 -4.55 10.52
N ILE A 279 -1.58 -5.74 10.84
CA ILE A 279 -2.40 -6.80 11.36
C ILE A 279 -2.18 -6.87 12.88
N SER A 280 -3.23 -6.65 13.66
CA SER A 280 -3.08 -6.53 15.10
C SER A 280 -4.46 -6.77 15.72
N GLY A 281 -4.53 -6.78 17.06
CA GLY A 281 -5.79 -7.06 17.73
C GLY A 281 -6.75 -5.87 17.67
N ASN A 282 -8.03 -6.16 17.44
CA ASN A 282 -9.02 -5.09 17.53
C ASN A 282 -9.52 -5.03 18.97
N LEU A 283 -10.53 -4.21 19.23
CA LEU A 283 -10.96 -4.00 20.61
C LEU A 283 -11.55 -5.26 21.22
N GLU A 284 -11.99 -6.20 20.39
CA GLU A 284 -12.62 -7.41 20.89
C GLU A 284 -11.60 -8.54 21.04
N GLY A 285 -10.32 -8.22 20.85
CA GLY A 285 -9.27 -9.23 20.91
C GLY A 285 -9.16 -10.09 19.65
N GLU A 286 -9.82 -9.69 18.58
CA GLU A 286 -9.75 -10.44 17.31
C GLU A 286 -8.63 -9.93 16.40
N ILE A 287 -8.07 -10.84 15.62
CA ILE A 287 -7.07 -10.45 14.63
C ILE A 287 -7.77 -9.70 13.50
N ASP A 288 -7.30 -8.49 13.23
CA ASP A 288 -7.92 -7.65 12.19
C ASP A 288 -6.86 -6.86 11.41
N ILE A 289 -7.28 -6.21 10.32
CA ILE A 289 -6.38 -5.42 9.51
C ILE A 289 -6.75 -3.94 9.60
N SER A 290 -5.74 -3.07 9.72
CA SER A 290 -5.96 -1.61 9.61
C SER A 290 -5.11 -1.10 8.48
N SER A 291 -5.67 -0.17 7.69
CA SER A 291 -4.98 0.24 6.47
C SER A 291 -4.84 1.76 6.48
N TYR A 292 -3.71 2.26 5.97
CA TYR A 292 -3.32 3.67 6.12
C TYR A 292 -2.53 4.13 4.94
N GLN A 293 -2.47 5.45 4.78
CA GLN A 293 -1.32 6.07 4.15
C GLN A 293 -0.90 7.24 5.02
N VAL A 294 0.21 7.91 4.67
CA VAL A 294 0.52 9.15 5.38
C VAL A 294 0.35 10.34 4.46
N SER A 295 0.18 11.51 5.05
CA SER A 295 -0.17 12.68 4.29
C SER A 295 0.99 13.19 3.48
N THR A 296 0.72 14.12 2.56
CA THR A 296 1.83 14.72 1.82
C THR A 296 2.67 15.56 2.77
N GLU A 297 2.03 16.13 3.79
CA GLU A 297 2.80 16.82 4.85
C GLU A 297 3.80 15.86 5.49
N ALA A 298 3.37 14.64 5.76
CA ALA A 298 4.31 13.64 6.29
C ALA A 298 5.45 13.36 5.32
N GLU A 299 5.13 13.15 4.03
CA GLU A 299 6.15 12.94 3.00
C GLU A 299 7.20 14.06 3.05
N ALA A 300 6.72 15.31 3.15
CA ALA A 300 7.61 16.44 3.08
C ALA A 300 8.42 16.57 4.36
N LEU A 301 7.78 16.35 5.51
CA LEU A 301 8.52 16.37 6.80
C LEU A 301 9.66 15.37 6.79
N VAL A 302 9.38 14.17 6.30
CA VAL A 302 10.38 13.12 6.33
C VAL A 302 11.45 13.38 5.27
N THR A 303 11.05 13.88 4.11
CA THR A 303 12.03 14.22 3.08
C THR A 303 13.00 15.30 3.57
N ALA A 304 12.49 16.23 4.38
CA ALA A 304 13.33 17.28 4.96
C ALA A 304 14.00 16.87 6.27
N ASP A 305 13.82 15.60 6.66
CA ASP A 305 14.44 15.01 7.87
C ASP A 305 14.04 15.75 9.14
N MET A 306 12.78 16.16 9.21
CA MET A 306 12.33 17.04 10.27
C MET A 306 11.74 16.32 11.49
N ILE A 307 11.36 15.05 11.34
CA ILE A 307 10.82 14.33 12.51
C ILE A 307 11.56 13.04 12.79
N SER A 308 11.46 12.60 14.04
CA SER A 308 12.10 11.35 14.42
C SER A 308 11.23 10.62 15.43
N GLY A 309 11.56 9.37 15.69
CA GLY A 309 10.86 8.66 16.74
C GLY A 309 11.68 8.82 18.00
N SER A 310 11.00 8.95 19.13
CA SER A 310 11.73 8.92 20.39
C SER A 310 10.90 8.16 21.40
N THR A 311 10.90 8.63 22.65
CA THR A 311 10.34 7.87 23.77
C THR A 311 8.94 7.29 23.58
N PHE A 312 7.97 8.14 23.22
CA PHE A 312 6.59 7.69 23.12
C PHE A 312 6.24 7.38 21.69
N PRO A 313 5.77 6.14 21.42
CA PRO A 313 5.55 5.75 20.03
C PRO A 313 4.45 6.58 19.36
N SER A 314 3.52 7.12 20.15
CA SER A 314 2.43 7.90 19.56
C SER A 314 2.88 9.27 19.06
N MET A 315 4.09 9.70 19.43
CA MET A 315 4.47 11.11 19.18
C MET A 315 5.56 11.19 18.14
N ALA A 316 5.42 12.15 17.23
CA ALA A 316 6.47 12.53 16.29
C ALA A 316 7.30 13.64 16.94
N TYR A 317 8.57 13.38 17.13
CA TYR A 317 9.46 14.36 17.75
C TYR A 317 10.06 15.23 16.66
N ILE A 318 10.06 16.54 16.88
CA ILE A 318 10.56 17.43 15.85
C ILE A 318 12.05 17.75 16.07
N ASN A 319 12.82 17.58 15.00
CA ASN A 319 14.29 17.69 15.08
C ASN A 319 14.80 19.13 15.14
N ASP A 320 16.07 19.28 15.48
CA ASP A 320 16.63 20.61 15.63
C ASP A 320 17.21 21.15 14.33
N THR A 321 17.28 22.48 14.25
CA THR A 321 18.02 23.13 13.17
C THR A 321 19.53 22.85 13.24
N THR A 322 20.09 22.47 12.09
CA THR A 322 21.50 22.14 11.94
C THR A 322 22.08 22.83 10.71
N ASP A 323 23.32 22.48 10.37
CA ASP A 323 23.95 22.97 9.13
C ASP A 323 23.20 22.44 7.91
N GLU A 324 22.55 21.30 8.06
CA GLU A 324 21.92 20.62 6.92
C GLU A 324 20.42 20.79 6.86
N ARG A 325 19.82 21.13 8.00
CA ARG A 325 18.38 21.11 8.15
C ARG A 325 17.90 22.38 8.85
N TYR A 326 16.95 23.07 8.22
CA TYR A 326 16.40 24.27 8.85
C TYR A 326 15.00 23.93 9.32
N VAL A 327 14.72 24.07 10.61
CA VAL A 327 13.40 23.72 11.09
C VAL A 327 12.73 25.01 11.56
N PRO A 328 11.67 25.45 10.86
CA PRO A 328 10.98 26.71 11.21
C PRO A 328 10.04 26.45 12.38
N GLU A 329 9.22 27.45 12.74
CA GLU A 329 8.13 27.16 13.67
C GLU A 329 7.22 26.11 13.03
N ILE A 330 6.71 25.18 13.83
CA ILE A 330 5.78 24.17 13.30
C ILE A 330 4.57 24.10 14.20
N PHE A 331 3.41 24.27 13.60
CA PHE A 331 2.14 24.23 14.31
C PHE A 331 1.32 23.03 13.85
N TYR A 332 0.33 22.62 14.64
CA TYR A 332 -0.65 21.65 14.10
C TYR A 332 -2.05 22.04 14.51
N MET A 333 -3.04 21.64 13.71
CA MET A 333 -4.42 21.96 14.01
C MET A 333 -4.99 20.85 14.90
N LYS A 334 -4.86 21.08 16.20
CA LYS A 334 -5.18 20.11 17.21
C LYS A 334 -6.68 19.98 17.36
N SER A 335 -7.16 18.74 17.24
CA SER A 335 -8.61 18.51 17.27
C SER A 335 -9.16 18.18 18.65
N ASN A 336 -10.39 18.61 18.93
CA ASN A 336 -11.08 18.13 20.12
C ASN A 336 -12.02 16.97 19.72
N GLU A 337 -12.80 16.49 20.68
CA GLU A 337 -13.61 15.30 20.44
C GLU A 337 -14.76 15.55 19.45
N TYR A 338 -15.05 16.82 19.19
CA TYR A 338 -16.07 17.17 18.18
C TYR A 338 -15.48 17.40 16.80
N GLY A 339 -14.18 17.22 16.67
CA GLY A 339 -13.53 17.48 15.40
C GLY A 339 -13.15 18.92 15.12
N ILE A 340 -13.41 19.81 16.06
CA ILE A 340 -13.04 21.22 15.96
C ILE A 340 -11.57 21.42 16.29
N THR A 341 -10.84 22.14 15.43
CA THR A 341 -9.41 22.31 15.62
C THR A 341 -9.03 23.70 16.07
N VAL A 342 -7.89 23.77 16.74
CA VAL A 342 -7.29 25.02 17.22
C VAL A 342 -5.81 24.93 16.92
N LYS A 343 -5.23 25.99 16.40
CA LYS A 343 -3.80 25.97 16.06
C LYS A 343 -2.93 25.96 17.32
N GLU A 344 -2.02 24.99 17.40
CA GLU A 344 -1.13 24.83 18.55
C GLU A 344 0.30 24.59 18.10
N ASN A 345 1.26 24.90 18.97
CA ASN A 345 2.68 24.58 18.69
C ASN A 345 2.91 23.08 18.63
N ALA A 346 3.52 22.61 17.55
CA ALA A 346 3.73 21.17 17.40
C ALA A 346 5.03 20.75 18.09
N LYS A 347 5.88 21.71 18.45
CA LYS A 347 7.14 21.40 19.13
C LYS A 347 6.88 21.25 20.61
N PRO A 348 7.66 20.40 21.29
CA PRO A 348 8.77 19.58 20.79
C PRO A 348 8.35 18.31 20.06
N ALA A 349 7.11 17.90 20.28
CA ALA A 349 6.56 16.69 19.69
C ALA A 349 5.05 16.81 19.61
N PHE A 350 4.45 16.16 18.62
CA PHE A 350 3.00 16.15 18.43
C PHE A 350 2.53 14.74 18.04
N PRO A 351 1.24 14.43 18.25
CA PRO A 351 0.72 13.09 17.93
C PRO A 351 0.82 12.78 16.46
N VAL A 352 1.42 11.63 16.16
CA VAL A 352 1.72 11.33 14.78
C VAL A 352 0.43 10.97 14.00
N ASP A 353 -0.64 10.70 14.74
CA ASP A 353 -2.02 10.54 14.27
C ASP A 353 -2.38 11.56 13.17
N TYR A 354 -1.89 12.77 13.36
CA TYR A 354 -2.28 13.88 12.47
C TYR A 354 -1.69 13.70 11.07
N LEU A 355 -0.71 12.79 10.95
CA LEU A 355 -0.04 12.54 9.68
C LEU A 355 -0.66 11.37 8.93
N LEU A 356 -1.70 10.76 9.49
CA LEU A 356 -2.30 9.57 8.88
C LEU A 356 -3.56 9.91 8.09
N VAL A 357 -3.85 9.09 7.10
CA VAL A 357 -5.22 8.95 6.58
C VAL A 357 -5.58 7.45 6.68
N THR A 358 -6.86 7.15 6.86
CA THR A 358 -7.29 5.77 7.00
C THR A 358 -8.03 5.31 5.75
N LEU A 359 -7.82 4.03 5.44
CA LEU A 359 -8.43 3.32 4.31
C LEU A 359 -9.30 2.21 4.85
N THR A 360 -10.32 1.81 4.10
CA THR A 360 -11.09 0.61 4.43
C THR A 360 -10.37 -0.58 3.80
N HIS A 361 -10.82 -1.80 4.12
CA HIS A 361 -10.26 -3.00 3.52
C HIS A 361 -11.32 -4.06 3.44
N GLY A 362 -11.07 -5.08 2.61
CA GLY A 362 -12.02 -6.16 2.48
C GLY A 362 -11.54 -7.25 1.57
N PHE A 363 -12.41 -8.23 1.36
CA PHE A 363 -12.20 -9.34 0.42
C PHE A 363 -13.35 -9.35 -0.60
N PRO A 364 -13.08 -9.73 -1.86
CA PRO A 364 -14.21 -9.78 -2.80
C PRO A 364 -15.27 -10.76 -2.31
N ASN A 365 -16.54 -10.52 -2.63
CA ASN A 365 -17.56 -11.53 -2.37
C ASN A 365 -17.32 -12.74 -3.28
N THR A 366 -17.64 -13.93 -2.80
CA THR A 366 -17.35 -15.17 -3.54
C THR A 366 -18.00 -15.24 -4.93
N ASP A 367 -19.12 -14.56 -5.12
CA ASP A 367 -19.85 -14.61 -6.38
C ASP A 367 -19.55 -13.42 -7.29
N THR A 368 -18.64 -12.54 -6.85
CA THR A 368 -18.09 -11.53 -7.75
C THR A 368 -17.27 -12.28 -8.79
N GLU A 369 -17.22 -11.76 -10.01
CA GLU A 369 -16.44 -12.41 -11.07
C GLU A 369 -14.99 -12.48 -10.64
N THR A 370 -14.53 -13.69 -10.36
CA THR A 370 -13.17 -13.91 -9.90
C THR A 370 -12.17 -13.53 -10.97
N ASN A 371 -11.35 -12.54 -10.65
CA ASN A 371 -10.31 -12.09 -11.54
C ASN A 371 -8.96 -12.22 -10.84
N SER A 372 -8.94 -13.03 -9.78
CA SER A 372 -7.74 -13.35 -9.02
C SER A 372 -6.64 -13.81 -9.96
N LYS A 373 -5.44 -13.26 -9.79
CA LYS A 373 -4.35 -13.60 -10.68
C LYS A 373 -3.85 -15.02 -10.47
N PHE A 374 -3.72 -15.42 -9.21
CA PHE A 374 -3.16 -16.73 -8.86
C PHE A 374 -4.23 -17.65 -8.28
N VAL A 375 -4.36 -18.83 -8.87
CA VAL A 375 -5.36 -19.80 -8.40
C VAL A 375 -5.10 -20.22 -6.95
N SER A 376 -3.84 -20.49 -6.62
CA SER A 376 -3.52 -20.88 -5.25
C SER A 376 -2.59 -19.88 -4.62
N SER A 377 -2.81 -19.68 -3.33
CA SER A 377 -2.01 -18.74 -2.57
C SER A 377 -1.05 -19.48 -1.66
N THR A 378 -1.25 -20.81 -1.55
CA THR A 378 -0.49 -21.64 -0.61
C THR A 378 -0.14 -22.98 -1.21
N GLY A 379 0.65 -23.77 -0.48
CA GLY A 379 0.93 -25.13 -0.93
C GLY A 379 2.39 -25.31 -1.27
N PHE A 380 3.03 -24.24 -1.71
CA PHE A 380 4.47 -24.20 -1.94
C PHE A 380 5.08 -23.12 -1.05
N PRO A 381 6.21 -23.44 -0.37
CA PRO A 381 6.78 -22.48 0.58
C PRO A 381 7.00 -21.08 0.01
N TRP A 382 6.56 -20.08 0.77
CA TRP A 382 6.85 -18.71 0.39
C TRP A 382 8.32 -18.45 0.62
N SER A 383 8.84 -17.42 -0.04
CA SER A 383 10.23 -17.06 0.11
C SER A 383 10.59 -16.70 1.56
N ASN A 384 11.85 -16.90 1.91
CA ASN A 384 12.44 -16.44 3.18
C ASN A 384 11.76 -17.04 4.41
N ARG A 385 11.42 -18.33 4.32
CA ARG A 385 10.78 -19.04 5.41
C ARG A 385 11.58 -20.25 5.86
N GLN A 386 12.86 -20.28 5.52
CA GLN A 386 13.70 -21.41 5.95
C GLN A 386 13.65 -21.62 7.46
N ALA A 387 13.76 -20.56 8.24
CA ALA A 387 13.71 -20.66 9.70
C ALA A 387 12.36 -21.18 10.23
N MET A 388 11.35 -21.18 9.36
CA MET A 388 10.03 -21.69 9.69
C MET A 388 9.93 -23.16 9.36
N GLY A 389 11.00 -23.71 8.81
CA GLY A 389 10.99 -25.07 8.33
C GLY A 389 10.37 -25.22 6.95
N GLN A 390 10.19 -24.11 6.23
CA GLN A 390 9.64 -24.18 4.87
C GLN A 390 10.69 -23.72 3.84
N SER A 391 11.52 -24.66 3.40
CA SER A 391 12.57 -24.34 2.44
C SER A 391 12.08 -24.52 1.01
N GLN A 392 12.66 -23.75 0.09
CA GLN A 392 12.44 -23.94 -1.33
C GLN A 392 13.64 -24.72 -1.86
N ASP A 393 13.42 -26.02 -2.13
CA ASP A 393 14.44 -26.99 -2.58
CA ASP A 393 14.48 -26.86 -2.70
C ASP A 393 13.94 -27.81 -3.76
N TYR A 394 14.83 -28.63 -4.33
CA TYR A 394 14.38 -29.62 -5.31
C TYR A 394 13.46 -30.63 -4.65
N GLN A 395 13.80 -31.03 -3.42
CA GLN A 395 12.97 -31.99 -2.71
C GLN A 395 11.55 -31.45 -2.57
N GLU A 396 11.42 -30.18 -2.22
CA GLU A 396 10.10 -29.61 -2.04
C GLU A 396 9.34 -29.48 -3.37
N LEU A 397 10.00 -28.93 -4.39
CA LEU A 397 9.39 -28.79 -5.71
C LEU A 397 8.99 -30.13 -6.30
N LYS A 398 9.80 -31.17 -6.08
CA LYS A 398 9.46 -32.50 -6.54
C LYS A 398 8.18 -32.97 -5.85
N LYS A 399 8.13 -32.81 -4.53
CA LYS A 399 6.96 -33.23 -3.76
C LYS A 399 5.71 -32.49 -4.23
N TYR A 400 5.86 -31.19 -4.46
CA TYR A 400 4.76 -30.33 -4.88
C TYR A 400 4.19 -30.64 -6.26
N LEU A 401 5.06 -30.98 -7.19
CA LEU A 401 4.75 -30.79 -8.61
C LEU A 401 4.96 -31.98 -9.52
N PHE A 402 5.90 -32.86 -9.17
CA PHE A 402 6.38 -33.89 -10.10
C PHE A 402 5.26 -34.83 -10.58
N ASN A 403 4.50 -35.40 -9.66
CA ASN A 403 3.46 -36.35 -10.04
C ASN A 403 2.37 -35.71 -10.90
N VAL A 404 1.95 -34.51 -10.55
CA VAL A 404 0.95 -33.81 -11.34
C VAL A 404 1.48 -33.49 -12.74
N ALA A 405 2.76 -33.11 -12.81
CA ALA A 405 3.38 -32.73 -14.08
C ALA A 405 3.44 -33.88 -15.08
N SER A 406 3.19 -35.10 -14.65
CA SER A 406 3.22 -36.22 -15.60
C SER A 406 1.90 -36.96 -15.67
N SER A 407 0.88 -36.42 -15.01
CA SER A 407 -0.41 -37.09 -14.94
C SER A 407 -1.28 -36.80 -16.15
N GLY A 408 -0.94 -35.74 -16.87
CA GLY A 408 -1.79 -35.25 -17.95
C GLY A 408 -2.94 -34.37 -17.44
N ASP A 409 -3.07 -34.23 -16.12
CA ASP A 409 -4.15 -33.44 -15.52
C ASP A 409 -3.81 -31.94 -15.56
N PHE A 410 -4.27 -31.26 -16.60
CA PHE A 410 -3.93 -29.83 -16.72
C PHE A 410 -4.68 -28.98 -15.74
N ASN A 411 -5.80 -29.47 -15.23
CA ASN A 411 -6.52 -28.68 -14.24
C ASN A 411 -5.69 -28.56 -12.98
N LEU A 412 -5.18 -29.70 -12.52
CA LEU A 412 -4.37 -29.73 -11.32
C LEU A 412 -3.01 -29.08 -11.54
N LEU A 413 -2.40 -29.32 -12.71
CA LEU A 413 -1.15 -28.66 -13.01
C LEU A 413 -1.30 -27.13 -13.01
N HIS A 414 -2.35 -26.63 -13.66
CA HIS A 414 -2.66 -25.18 -13.66
C HIS A 414 -2.76 -24.64 -12.25
N GLU A 415 -3.51 -25.35 -11.41
CA GLU A 415 -3.67 -24.96 -10.02
C GLU A 415 -2.33 -24.89 -9.27
N LYS A 416 -1.43 -25.81 -9.60
CA LYS A 416 -0.12 -25.87 -8.95
C LYS A 416 0.80 -24.74 -9.41
N ILE A 417 0.84 -24.48 -10.71
CA ILE A 417 1.78 -23.47 -11.20
C ILE A 417 1.23 -22.04 -11.07
N SER A 418 -0.10 -21.92 -10.92
CA SER A 418 -0.69 -20.58 -10.74
C SER A 418 -0.53 -20.16 -9.29
N ASN A 419 0.69 -19.76 -8.96
CA ASN A 419 1.10 -19.61 -7.58
C ASN A 419 2.34 -18.71 -7.61
N PHE A 420 2.21 -17.52 -7.03
CA PHE A 420 3.26 -16.50 -7.08
C PHE A 420 4.62 -17.01 -6.61
N HIS A 421 4.67 -17.64 -5.44
CA HIS A 421 5.98 -18.02 -4.92
C HIS A 421 6.58 -19.23 -5.64
N LEU A 422 5.72 -20.12 -6.12
CA LEU A 422 6.16 -21.18 -7.01
C LEU A 422 6.85 -20.60 -8.25
N LEU A 423 6.20 -19.62 -8.90
CA LEU A 423 6.75 -19.03 -10.12
C LEU A 423 8.11 -18.40 -9.89
N LEU A 424 8.22 -17.59 -8.84
CA LEU A 424 9.50 -16.98 -8.55
C LEU A 424 10.59 -18.04 -8.31
N TYR A 425 10.26 -19.12 -7.63
CA TYR A 425 11.28 -20.12 -7.36
C TYR A 425 11.73 -20.85 -8.63
N ILE A 426 10.79 -21.22 -9.48
CA ILE A 426 11.16 -21.84 -10.74
C ILE A 426 12.03 -20.92 -11.57
N ASN A 427 11.66 -19.65 -11.70
CA ASN A 427 12.46 -18.74 -12.51
C ASN A 427 13.90 -18.62 -11.99
N SER A 428 14.07 -18.76 -10.68
CA SER A 428 15.40 -18.65 -10.07
C SER A 428 16.31 -19.82 -10.45
N LEU A 429 15.73 -20.93 -10.90
CA LEU A 429 16.53 -22.09 -11.23
C LEU A 429 17.26 -21.90 -12.55
N GLN A 430 16.76 -20.98 -13.36
CA GLN A 430 17.37 -20.63 -14.65
C GLN A 430 17.45 -21.84 -15.56
N ILE A 431 16.43 -22.69 -15.48
CA ILE A 431 16.29 -23.86 -16.36
C ILE A 431 15.50 -23.47 -17.59
N LEU A 432 14.41 -22.75 -17.37
CA LEU A 432 13.53 -22.30 -18.44
C LEU A 432 14.14 -21.11 -19.17
N SER A 433 13.96 -21.09 -20.49
CA SER A 433 14.35 -19.95 -21.30
C SER A 433 13.43 -18.76 -21.01
N PRO A 434 13.82 -17.55 -21.44
CA PRO A 434 12.91 -16.43 -21.23
C PRO A 434 11.57 -16.61 -21.93
N ASP A 435 11.58 -17.23 -23.10
CA ASP A 435 10.33 -17.53 -23.80
C ASP A 435 9.50 -18.55 -23.03
N GLU A 436 10.17 -19.57 -22.50
CA GLU A 436 9.50 -20.60 -21.72
C GLU A 436 8.97 -19.99 -20.40
N TRP A 437 9.77 -19.12 -19.79
CA TRP A 437 9.34 -18.41 -18.59
C TRP A 437 8.08 -17.58 -18.85
N LYS A 438 8.04 -16.89 -19.98
CA LYS A 438 6.85 -16.12 -20.36
C LYS A 438 5.65 -17.05 -20.56
N LEU A 439 5.91 -18.21 -21.16
CA LEU A 439 4.89 -19.21 -21.37
C LEU A 439 4.30 -19.66 -20.04
N LEU A 440 5.18 -19.88 -19.07
CA LEU A 440 4.79 -20.34 -17.75
C LEU A 440 3.95 -19.28 -17.05
N ILE A 441 4.35 -18.02 -17.17
CA ILE A 441 3.55 -16.92 -16.61
C ILE A 441 2.16 -16.89 -17.23
N GLU A 442 2.07 -17.00 -18.55
CA GLU A 442 0.79 -17.02 -19.27
C GLU A 442 -0.09 -18.18 -18.79
N SER A 443 0.53 -19.35 -18.66
CA SER A 443 -0.15 -20.51 -18.11
C SER A 443 -0.71 -20.25 -16.72
N ALA A 444 -0.03 -19.42 -15.93
CA ALA A 444 -0.45 -19.13 -14.57
C ALA A 444 -1.53 -18.04 -14.46
N VAL A 445 -1.43 -16.98 -15.26
CA VAL A 445 -2.25 -15.80 -14.99
C VAL A 445 -3.29 -15.44 -16.06
N LYS A 446 -3.22 -16.06 -17.24
CA LYS A 446 -4.20 -15.79 -18.29
C LYS A 446 -5.53 -16.44 -17.99
N ASN A 447 -6.61 -15.80 -18.39
CA ASN A 447 -7.94 -16.41 -18.28
C ASN A 447 -8.07 -17.63 -19.15
N GLU A 448 -7.59 -17.53 -20.38
CA GLU A 448 -7.51 -18.69 -21.27
C GLU A 448 -6.08 -19.17 -21.26
N TRP A 449 -5.82 -20.20 -20.46
CA TRP A 449 -4.47 -20.60 -20.11
C TRP A 449 -4.07 -21.96 -20.68
N GLU A 450 -5.06 -22.72 -21.17
CA GLU A 450 -4.79 -24.11 -21.56
C GLU A 450 -3.86 -24.21 -22.76
N GLU A 451 -4.04 -23.34 -23.73
CA GLU A 451 -3.19 -23.38 -24.90
C GLU A 451 -1.76 -23.08 -24.51
N SER A 452 -1.56 -22.10 -23.62
CA SER A 452 -0.22 -21.77 -23.11
C SER A 452 0.43 -22.93 -22.36
N LEU A 453 -0.35 -23.59 -21.51
CA LEU A 453 0.19 -24.69 -20.71
C LEU A 453 0.58 -25.86 -21.60
N LEU A 454 -0.22 -26.11 -22.64
CA LEU A 454 0.10 -27.17 -23.61
C LEU A 454 1.46 -26.89 -24.26
N LYS A 455 1.71 -25.64 -24.65
CA LYS A 455 3.00 -25.26 -25.21
C LYS A 455 4.14 -25.45 -24.22
N LEU A 456 3.95 -24.98 -22.99
CA LEU A 456 4.96 -25.11 -21.95
C LEU A 456 5.39 -26.55 -21.73
N VAL A 457 4.40 -27.42 -21.55
CA VAL A 457 4.66 -28.81 -21.22
C VAL A 457 5.44 -29.50 -22.35
N SER A 458 5.31 -28.98 -23.56
CA SER A 458 5.99 -29.55 -24.73
C SER A 458 7.39 -28.95 -24.93
N SER A 459 7.66 -27.85 -24.23
CA SER A 459 8.90 -27.11 -24.39
C SER A 459 10.08 -27.90 -23.86
N ALA A 460 11.27 -27.63 -24.40
CA ALA A 460 12.47 -28.33 -23.99
C ALA A 460 12.85 -28.00 -22.55
N GLY A 461 12.68 -26.72 -22.19
CA GLY A 461 13.01 -26.26 -20.85
C GLY A 461 12.18 -26.96 -19.79
N TRP A 462 10.86 -26.95 -19.97
CA TRP A 462 9.99 -27.65 -19.04
C TRP A 462 10.39 -29.11 -18.89
N GLN A 463 10.54 -29.81 -20.01
CA GLN A 463 10.95 -31.22 -19.99
C GLN A 463 12.24 -31.41 -19.20
N THR A 464 13.21 -30.52 -19.44
CA THR A 464 14.45 -30.51 -18.67
C THR A 464 14.17 -30.42 -17.18
N LEU A 465 13.27 -29.51 -16.79
CA LEU A 465 12.98 -29.26 -15.38
C LEU A 465 12.40 -30.50 -14.72
N VAL A 466 11.43 -31.11 -15.40
CA VAL A 466 10.74 -32.26 -14.83
C VAL A 466 11.73 -33.42 -14.67
N MET A 467 12.65 -33.52 -15.61
CA MET A 467 13.67 -34.58 -15.57
C MET A 467 14.64 -34.35 -14.41
N ILE A 468 14.96 -33.09 -14.16
CA ILE A 468 15.82 -32.74 -13.02
C ILE A 468 15.13 -33.13 -11.73
N LEU A 469 13.81 -32.91 -11.66
CA LEU A 469 13.04 -33.32 -10.50
C LEU A 469 13.09 -34.82 -10.32
N GLN A 470 12.88 -35.54 -11.42
CA GLN A 470 12.94 -37.00 -11.38
C GLN A 470 14.21 -37.58 -10.77
N GLU A 471 15.37 -37.01 -11.15
CA GLU A 471 16.67 -37.57 -10.75
C GLU A 471 17.10 -37.13 -9.35
N SER A 472 16.45 -36.11 -8.80
CA SER A 472 16.82 -35.63 -7.48
C SER A 472 16.16 -36.50 -6.42
N GLY A 473 16.60 -36.38 -5.17
CA GLY A 473 15.92 -37.06 -4.07
C GLY A 473 16.71 -38.19 -3.44
#